data_6HAU
#
_entry.id   6HAU
#
_cell.length_a   58.657
_cell.length_b   105.261
_cell.length_c   118.554
_cell.angle_alpha   90.00
_cell.angle_beta   90.00
_cell.angle_gamma   90.00
#
_symmetry.space_group_name_H-M   'P 21 21 21'
#
loop_
_entity.id
_entity.type
_entity.pdbx_description
1 polymer 'mRNA export factor ICP27 homolog'
2 polymer 'MRE fragment of PAN RNA'
3 non-polymer 'ZINC ION'
4 non-polymer 'ACETATE ION'
5 water water
#
loop_
_entity_poly.entity_id
_entity_poly.type
_entity_poly.pdbx_seq_one_letter_code
_entity_poly.pdbx_strand_id
1 'polypeptide(L)'
;GPLLKLFDISILPKSGEPKLFLPVPSLPCQEAEKTNDKYVLAMAQRAMHDVPISSKQLTANLLPVKFKPLLSIVRYTPNY
YYWVSMRKETIASANLCTVAAFLDESLCWGQQYLKNDFIFSENGKDIILDTSSALLSQLVHKIKMLPFCHCLMQTTPQDH
IVKQVCYLIASNNRILDAVRYLQTSVIKSPIVLLLAYAVCLPAAIICTKNETQLYSHCMRILKEYRPGDVMNILHESLTQ
HLNKCPSSTCAYTTRAIVGTKANTTGLFFLPTQ
;
A,B
2 'polyribonucleotide' CACCUAUGGAUUUUGUG D
#
# COMPACT_ATOMS: atom_id res chain seq x y z
N GLY A 1 -36.18 20.91 13.81
CA GLY A 1 -35.55 19.91 14.64
C GLY A 1 -34.07 19.72 14.33
N PRO A 2 -33.38 18.95 15.16
CA PRO A 2 -31.96 18.67 14.87
C PRO A 2 -31.77 17.77 13.67
N LEU A 3 -30.54 17.78 13.16
CA LEU A 3 -30.16 16.92 12.06
C LEU A 3 -30.05 15.46 12.51
N LEU A 4 -29.96 14.57 11.53
CA LEU A 4 -29.78 13.15 11.79
C LEU A 4 -28.54 12.93 12.64
N LYS A 5 -28.71 12.20 13.74
CA LYS A 5 -27.59 11.82 14.60
C LYS A 5 -26.47 11.19 13.78
N LEU A 6 -25.21 11.49 14.14
CA LEU A 6 -24.10 11.04 13.34
C LEU A 6 -23.88 9.54 13.50
N PHE A 7 -23.79 9.07 14.73
CA PHE A 7 -23.59 7.65 14.96
C PHE A 7 -24.15 7.22 16.32
N ASP A 8 -24.40 5.92 16.44
N ASP A 8 -24.39 5.93 16.45
CA ASP A 8 -24.83 5.33 17.69
CA ASP A 8 -24.82 5.34 17.71
C ASP A 8 -23.64 5.29 18.67
C ASP A 8 -23.65 5.28 18.68
N ILE A 9 -23.78 5.95 19.82
CA ILE A 9 -22.63 6.07 20.72
C ILE A 9 -22.12 4.71 21.20
N SER A 10 -22.95 3.67 21.14
CA SER A 10 -22.57 2.34 21.59
C SER A 10 -21.43 1.72 20.78
N ILE A 11 -21.12 2.26 19.60
CA ILE A 11 -20.05 1.65 18.83
C ILE A 11 -18.66 2.09 19.28
N LEU A 12 -18.56 3.09 20.15
CA LEU A 12 -17.26 3.54 20.63
C LEU A 12 -16.75 2.62 21.74
N PRO A 13 -15.44 2.34 21.79
CA PRO A 13 -14.92 1.46 22.84
C PRO A 13 -14.79 2.19 24.17
N LYS A 14 -14.83 1.40 25.25
CA LYS A 14 -14.61 1.92 26.60
C LYS A 14 -13.24 2.55 26.67
N SER A 15 -13.18 3.78 27.19
N SER A 15 -13.16 3.75 27.29
CA SER A 15 -11.88 4.38 27.42
CA SER A 15 -11.91 4.51 27.36
C SER A 15 -11.18 3.59 28.52
C SER A 15 -10.71 3.58 27.56
N GLY A 16 -9.92 3.25 28.26
N GLY A 16 -10.23 3.40 28.78
CA GLY A 16 -9.14 2.44 29.18
CA GLY A 16 -9.19 2.40 29.04
C GLY A 16 -7.70 2.88 29.10
C GLY A 16 -7.77 2.92 28.96
N GLU A 17 -6.82 1.98 28.69
CA GLU A 17 -5.40 2.30 28.64
C GLU A 17 -5.07 2.98 27.30
N PRO A 18 -4.13 3.92 27.31
CA PRO A 18 -3.62 4.45 26.02
C PRO A 18 -2.99 3.32 25.20
N LYS A 19 -3.36 3.24 23.92
CA LYS A 19 -2.91 2.13 23.07
C LYS A 19 -1.68 2.52 22.26
N LEU A 20 -0.60 1.76 22.44
CA LEU A 20 0.65 1.99 21.72
C LEU A 20 1.01 0.87 20.74
N PHE A 21 0.11 -0.09 20.52
CA PHE A 21 0.35 -1.21 19.60
C PHE A 21 -1.02 -1.73 19.20
N LEU A 22 -1.05 -2.55 18.12
CA LEU A 22 -2.26 -3.28 17.73
C LEU A 22 -2.06 -4.78 17.90
N PRO A 23 -3.07 -5.53 18.36
CA PRO A 23 -2.82 -6.95 18.67
C PRO A 23 -2.77 -7.89 17.47
N VAL A 24 -1.76 -8.76 17.50
CA VAL A 24 -1.66 -9.96 16.67
C VAL A 24 -1.15 -11.09 17.55
N PRO A 25 -1.58 -12.32 17.26
CA PRO A 25 -1.10 -13.46 18.08
C PRO A 25 0.36 -13.78 17.73
N SER A 26 1.05 -14.43 18.67
CA SER A 26 2.43 -14.83 18.44
C SER A 26 2.49 -16.12 17.62
N LEU A 27 3.53 -16.23 16.77
CA LEU A 27 3.70 -17.39 15.88
C LEU A 27 4.24 -18.58 16.65
N PRO A 28 3.81 -19.80 16.34
CA PRO A 28 4.46 -20.98 16.90
C PRO A 28 5.84 -21.17 16.30
N CYS A 29 6.64 -22.00 16.98
CA CYS A 29 7.95 -22.36 16.46
C CYS A 29 7.81 -23.08 15.12
N GLN A 30 8.90 -23.07 14.35
CA GLN A 30 8.92 -23.69 13.03
C GLN A 30 9.16 -25.20 13.09
N GLU A 31 8.58 -25.91 12.12
CA GLU A 31 9.00 -27.28 11.86
C GLU A 31 10.26 -27.28 10.99
N ALA A 32 10.98 -28.41 10.99
CA ALA A 32 12.15 -28.55 10.12
C ALA A 32 11.70 -28.63 8.66
N GLU A 33 12.44 -27.97 7.77
CA GLU A 33 12.16 -28.11 6.35
C GLU A 33 12.59 -29.49 5.88
N LYS A 34 11.92 -30.00 4.85
CA LYS A 34 12.06 -31.41 4.46
C LYS A 34 13.09 -31.58 3.36
N THR A 35 14.34 -31.30 3.73
CA THR A 35 15.48 -31.42 2.80
C THR A 35 16.77 -31.32 3.59
N ASN A 36 17.83 -31.92 3.04
CA ASN A 36 19.19 -31.75 3.57
C ASN A 36 20.13 -31.06 2.58
N ASP A 37 19.60 -30.53 1.49
CA ASP A 37 20.39 -29.78 0.51
C ASP A 37 20.89 -28.50 1.17
N LYS A 38 22.20 -28.40 1.42
CA LYS A 38 22.73 -27.22 2.08
C LYS A 38 22.43 -25.94 1.31
N TYR A 39 22.46 -26.00 -0.03
CA TYR A 39 22.24 -24.77 -0.81
C TYR A 39 20.81 -24.27 -0.63
N VAL A 40 19.84 -25.18 -0.62
CA VAL A 40 18.45 -24.78 -0.41
C VAL A 40 18.25 -24.26 1.00
N LEU A 41 18.80 -24.96 2.00
CA LEU A 41 18.64 -24.53 3.38
C LEU A 41 19.25 -23.15 3.60
N ALA A 42 20.39 -22.87 2.96
CA ALA A 42 21.02 -21.55 3.10
C ALA A 42 20.16 -20.46 2.45
N MET A 43 19.57 -20.74 1.29
CA MET A 43 18.69 -19.76 0.63
C MET A 43 17.46 -19.46 1.48
N ALA A 44 16.88 -20.47 2.13
CA ALA A 44 15.72 -20.19 2.99
C ALA A 44 16.11 -19.39 4.22
N GLN A 45 17.29 -19.65 4.80
N GLN A 45 17.30 -19.62 4.78
CA GLN A 45 17.75 -18.86 5.92
CA GLN A 45 17.67 -18.84 5.95
C GLN A 45 17.81 -17.39 5.56
C GLN A 45 17.87 -17.36 5.60
N ARG A 46 18.45 -17.08 4.42
CA ARG A 46 18.55 -15.69 3.97
C ARG A 46 17.19 -15.11 3.68
N ALA A 47 16.27 -15.91 3.13
CA ALA A 47 14.96 -15.40 2.76
C ALA A 47 14.23 -14.82 3.95
N MET A 48 14.52 -15.30 5.16
CA MET A 48 13.85 -14.84 6.36
C MET A 48 14.23 -13.42 6.80
N HIS A 49 15.29 -12.83 6.23
CA HIS A 49 15.84 -11.57 6.71
C HIS A 49 15.91 -10.52 5.60
N ASP A 50 15.86 -9.25 5.98
CA ASP A 50 15.97 -8.15 5.01
C ASP A 50 17.45 -7.85 4.76
N VAL A 51 18.12 -8.79 4.11
CA VAL A 51 19.53 -8.60 3.76
C VAL A 51 19.65 -7.83 2.45
N PRO A 52 20.81 -7.25 2.13
CA PRO A 52 20.95 -6.54 0.87
C PRO A 52 20.64 -7.43 -0.33
N ILE A 53 19.91 -6.87 -1.30
CA ILE A 53 19.43 -7.68 -2.40
C ILE A 53 20.55 -8.16 -3.30
N SER A 54 21.73 -7.53 -3.27
CA SER A 54 22.82 -8.08 -4.06
C SER A 54 23.21 -9.47 -3.58
N SER A 55 23.01 -9.76 -2.30
CA SER A 55 23.30 -11.08 -1.77
C SER A 55 22.26 -12.14 -2.13
N LYS A 56 21.18 -11.76 -2.82
CA LYS A 56 20.15 -12.70 -3.26
C LYS A 56 20.10 -12.81 -4.79
N GLN A 57 21.05 -12.19 -5.50
CA GLN A 57 21.05 -12.28 -6.95
C GLN A 57 21.28 -13.71 -7.40
N LEU A 58 20.52 -14.14 -8.41
CA LEU A 58 20.66 -15.46 -9.00
C LEU A 58 20.61 -15.34 -10.52
N THR A 59 21.67 -15.75 -11.20
CA THR A 59 21.62 -15.78 -12.66
C THR A 59 20.65 -16.88 -13.11
N ALA A 60 19.74 -16.54 -14.01
CA ALA A 60 18.66 -17.45 -14.36
C ALA A 60 19.14 -18.68 -15.13
N ASN A 61 20.40 -18.70 -15.61
CA ASN A 61 20.94 -19.94 -16.15
C ASN A 61 21.06 -21.02 -15.08
N LEU A 62 21.17 -20.63 -13.80
CA LEU A 62 21.29 -21.56 -12.70
C LEU A 62 19.94 -22.01 -12.14
N LEU A 63 18.88 -21.23 -12.36
CA LEU A 63 17.61 -21.57 -11.74
C LEU A 63 17.10 -22.93 -12.19
N PRO A 64 17.23 -23.32 -13.47
CA PRO A 64 16.76 -24.67 -13.88
C PRO A 64 17.39 -25.83 -13.13
N VAL A 65 18.66 -25.75 -12.73
CA VAL A 65 19.24 -26.85 -11.98
C VAL A 65 18.79 -26.83 -10.51
N LYS A 66 18.47 -25.64 -9.98
CA LYS A 66 18.03 -25.51 -8.60
C LYS A 66 16.52 -25.67 -8.41
N PHE A 67 15.74 -25.73 -9.51
CA PHE A 67 14.29 -25.70 -9.40
C PHE A 67 13.76 -26.88 -8.60
N LYS A 68 14.09 -28.11 -9.00
CA LYS A 68 13.56 -29.26 -8.29
C LYS A 68 14.01 -29.31 -6.82
N PRO A 69 15.29 -29.14 -6.50
CA PRO A 69 15.66 -29.06 -5.07
C PRO A 69 14.87 -28.02 -4.28
N LEU A 70 14.55 -26.87 -4.89
CA LEU A 70 13.87 -25.81 -4.16
C LEU A 70 12.40 -26.11 -3.93
N LEU A 71 11.81 -26.95 -4.78
CA LEU A 71 10.42 -27.36 -4.58
C LEU A 71 10.21 -27.97 -3.19
N SER A 72 11.25 -28.58 -2.61
CA SER A 72 11.07 -29.19 -1.29
C SER A 72 10.57 -28.17 -0.27
N ILE A 73 10.93 -26.90 -0.42
CA ILE A 73 10.39 -25.84 0.44
C ILE A 73 9.24 -25.09 -0.23
N VAL A 74 9.40 -24.64 -1.47
CA VAL A 74 8.41 -23.73 -2.07
C VAL A 74 7.06 -24.44 -2.23
N ARG A 75 7.07 -25.74 -2.56
CA ARG A 75 5.87 -26.52 -2.77
C ARG A 75 5.52 -27.48 -1.63
N TYR A 76 6.48 -27.97 -0.84
CA TYR A 76 6.16 -29.00 0.16
C TYR A 76 6.52 -28.63 1.59
N THR A 77 6.67 -27.34 1.89
CA THR A 77 7.06 -26.95 3.24
C THR A 77 5.98 -27.27 4.27
N PRO A 78 6.35 -27.77 5.45
CA PRO A 78 5.37 -27.85 6.54
C PRO A 78 5.10 -26.51 7.22
N ASN A 79 5.71 -25.42 6.75
CA ASN A 79 5.54 -24.11 7.34
C ASN A 79 4.84 -23.18 6.34
N TYR A 80 3.82 -23.70 5.65
CA TYR A 80 3.20 -22.97 4.54
C TYR A 80 2.65 -21.62 4.99
N TYR A 81 1.85 -21.59 6.06
CA TYR A 81 1.22 -20.31 6.41
C TYR A 81 2.21 -19.31 6.97
N TYR A 82 3.28 -19.77 7.63
CA TYR A 82 4.35 -18.85 8.03
C TYR A 82 4.98 -18.17 6.81
N TRP A 83 5.35 -18.94 5.80
CA TRP A 83 6.04 -18.37 4.64
C TRP A 83 5.12 -17.44 3.85
N VAL A 84 3.88 -17.86 3.60
CA VAL A 84 2.99 -17.04 2.79
C VAL A 84 2.62 -15.76 3.51
N SER A 85 2.38 -15.83 4.84
N SER A 85 2.38 -15.83 4.83
CA SER A 85 2.04 -14.61 5.58
CA SER A 85 2.05 -14.62 5.57
C SER A 85 3.23 -13.67 5.67
C SER A 85 3.23 -13.67 5.66
N MET A 86 4.45 -14.21 5.83
CA MET A 86 5.65 -13.37 5.82
C MET A 86 5.77 -12.62 4.49
N ARG A 87 5.58 -13.33 3.38
CA ARG A 87 5.71 -12.70 2.06
C ARG A 87 4.58 -11.71 1.81
N LYS A 88 3.35 -12.03 2.21
CA LYS A 88 2.24 -11.09 2.01
C LYS A 88 2.40 -9.85 2.88
N GLU A 89 3.03 -9.97 4.05
CA GLU A 89 3.29 -8.77 4.86
C GLU A 89 4.22 -7.81 4.14
N THR A 90 5.29 -8.34 3.55
CA THR A 90 6.24 -7.51 2.80
C THR A 90 5.57 -6.85 1.59
N ILE A 91 4.78 -7.62 0.84
CA ILE A 91 4.16 -7.13 -0.39
C ILE A 91 3.09 -6.07 -0.09
N ALA A 92 2.31 -6.26 0.98
CA ALA A 92 1.26 -5.30 1.33
C ALA A 92 1.82 -4.00 1.89
N SER A 93 3.11 -3.96 2.26
CA SER A 93 3.77 -2.75 2.73
C SER A 93 4.88 -2.30 1.77
N ALA A 94 4.78 -2.67 0.49
CA ALA A 94 5.90 -2.55 -0.44
C ALA A 94 5.90 -1.24 -1.21
N ASN A 95 7.10 -0.63 -1.34
CA ASN A 95 7.36 0.41 -2.34
C ASN A 95 7.61 -0.24 -3.71
N LEU A 96 7.89 0.56 -4.75
CA LEU A 96 8.01 -0.02 -6.08
C LEU A 96 9.30 -0.83 -6.26
N CYS A 97 10.40 -0.45 -5.59
CA CYS A 97 11.60 -1.29 -5.60
C CYS A 97 11.29 -2.72 -5.19
N THR A 98 10.52 -2.88 -4.11
CA THR A 98 10.19 -4.19 -3.58
C THR A 98 9.25 -4.95 -4.51
N VAL A 99 8.20 -4.29 -5.01
CA VAL A 99 7.29 -4.93 -5.97
C VAL A 99 8.04 -5.47 -7.19
N ALA A 100 8.98 -4.69 -7.72
CA ALA A 100 9.69 -5.11 -8.92
C ALA A 100 10.52 -6.36 -8.66
N ALA A 101 11.18 -6.43 -7.50
CA ALA A 101 12.00 -7.60 -7.18
C ALA A 101 11.14 -8.86 -7.10
N PHE A 102 10.02 -8.79 -6.38
CA PHE A 102 9.13 -9.95 -6.24
C PHE A 102 8.47 -10.32 -7.58
N LEU A 103 8.18 -9.35 -8.46
CA LEU A 103 7.61 -9.70 -9.77
C LEU A 103 8.59 -10.53 -10.60
N ASP A 104 9.87 -10.10 -10.68
CA ASP A 104 10.84 -10.88 -11.45
C ASP A 104 10.99 -12.29 -10.88
N GLU A 105 11.05 -12.42 -9.55
CA GLU A 105 11.13 -13.74 -8.91
C GLU A 105 9.95 -14.62 -9.35
N SER A 106 8.72 -14.10 -9.25
CA SER A 106 7.53 -14.91 -9.57
C SER A 106 7.48 -15.29 -11.06
N LEU A 107 7.89 -14.39 -11.95
CA LEU A 107 7.80 -14.71 -13.38
C LEU A 107 8.81 -15.76 -13.80
N CYS A 108 10.03 -15.70 -13.26
CA CYS A 108 11.01 -16.74 -13.55
C CYS A 108 10.59 -18.08 -12.96
N TRP A 109 9.99 -18.07 -11.76
CA TRP A 109 9.48 -19.31 -11.17
C TRP A 109 8.36 -19.89 -12.01
N GLY A 110 7.41 -19.06 -12.45
CA GLY A 110 6.35 -19.54 -13.32
C GLY A 110 6.86 -20.11 -14.61
N GLN A 111 7.95 -19.56 -15.15
CA GLN A 111 8.55 -20.12 -16.36
C GLN A 111 9.09 -21.53 -16.15
N GLN A 112 9.55 -21.85 -14.94
CA GLN A 112 10.02 -23.21 -14.69
C GLN A 112 8.86 -24.20 -14.63
N TYR A 113 7.71 -23.78 -14.09
CA TYR A 113 6.51 -24.59 -14.22
C TYR A 113 6.26 -24.94 -15.68
N LEU A 114 6.20 -23.91 -16.54
CA LEU A 114 5.86 -24.13 -17.94
C LEU A 114 6.87 -25.08 -18.60
N LYS A 115 8.16 -24.89 -18.31
CA LYS A 115 9.20 -25.73 -18.90
C LYS A 115 9.08 -27.19 -18.49
N ASN A 116 8.44 -27.47 -17.36
CA ASN A 116 8.35 -28.82 -16.83
C ASN A 116 6.94 -29.40 -16.91
N ASP A 117 6.05 -28.75 -17.65
CA ASP A 117 4.68 -29.25 -17.84
C ASP A 117 3.90 -29.33 -16.53
N PHE A 118 4.21 -28.47 -15.56
CA PHE A 118 3.40 -28.36 -14.35
C PHE A 118 2.13 -27.55 -14.64
N ILE A 119 1.04 -27.86 -13.94
CA ILE A 119 -0.20 -27.10 -14.11
C ILE A 119 -0.28 -26.03 -13.03
N PHE A 120 -1.09 -25.01 -13.31
CA PHE A 120 -1.33 -23.91 -12.39
C PHE A 120 -2.68 -24.11 -11.71
N SER A 121 -2.69 -24.11 -10.38
CA SER A 121 -3.90 -24.38 -9.62
C SER A 121 -3.99 -23.51 -8.38
N GLU A 122 -5.21 -23.06 -8.07
CA GLU A 122 -5.41 -22.23 -6.89
C GLU A 122 -5.04 -22.97 -5.60
N ASN A 123 -5.18 -24.30 -5.60
CA ASN A 123 -4.86 -25.12 -4.43
C ASN A 123 -3.53 -25.86 -4.55
N GLY A 124 -2.62 -25.37 -5.38
CA GLY A 124 -1.34 -26.04 -5.56
C GLY A 124 -0.31 -25.86 -4.48
N LYS A 125 -0.61 -25.07 -3.45
CA LYS A 125 0.34 -24.83 -2.36
C LYS A 125 1.74 -24.55 -2.87
N ASP A 126 1.95 -23.33 -3.34
CA ASP A 126 3.24 -22.82 -3.81
C ASP A 126 3.42 -21.46 -3.17
N ILE A 127 4.43 -21.29 -2.32
CA ILE A 127 4.51 -20.06 -1.53
C ILE A 127 4.85 -18.86 -2.42
N ILE A 128 5.37 -19.09 -3.63
CA ILE A 128 5.67 -17.99 -4.55
C ILE A 128 4.45 -17.64 -5.42
N LEU A 129 3.83 -18.63 -6.06
CA LEU A 129 2.68 -18.36 -6.93
C LEU A 129 1.47 -17.88 -6.13
N ASP A 130 1.34 -18.31 -4.89
CA ASP A 130 0.18 -17.95 -4.08
C ASP A 130 0.26 -16.52 -3.53
N THR A 131 1.32 -15.76 -3.83
CA THR A 131 1.32 -14.33 -3.56
C THR A 131 1.30 -13.49 -4.85
N SER A 132 1.10 -14.11 -6.03
CA SER A 132 1.16 -13.33 -7.27
C SER A 132 -0.05 -12.39 -7.44
N SER A 133 -1.24 -12.76 -6.95
CA SER A 133 -2.38 -11.84 -7.05
C SER A 133 -2.17 -10.62 -6.15
N ALA A 134 -1.67 -10.81 -4.93
CA ALA A 134 -1.39 -9.68 -4.05
C ALA A 134 -0.40 -8.73 -4.71
N LEU A 135 0.58 -9.29 -5.42
CA LEU A 135 1.58 -8.51 -6.11
C LEU A 135 0.99 -7.70 -7.26
N LEU A 136 0.07 -8.29 -8.04
CA LEU A 136 -0.60 -7.53 -9.10
C LEU A 136 -1.33 -6.31 -8.54
N SER A 137 -2.10 -6.50 -7.46
CA SER A 137 -2.85 -5.40 -6.87
C SER A 137 -1.92 -4.29 -6.38
N GLN A 138 -0.76 -4.67 -5.83
CA GLN A 138 0.20 -3.68 -5.34
C GLN A 138 0.86 -2.93 -6.49
N LEU A 139 1.18 -3.61 -7.61
CA LEU A 139 1.72 -2.89 -8.77
C LEU A 139 0.72 -1.86 -9.29
N VAL A 140 -0.56 -2.23 -9.38
CA VAL A 140 -1.60 -1.29 -9.81
C VAL A 140 -1.70 -0.11 -8.86
N HIS A 141 -1.67 -0.37 -7.56
CA HIS A 141 -1.66 0.70 -6.56
C HIS A 141 -0.50 1.68 -6.79
N LYS A 142 0.71 1.16 -7.09
CA LYS A 142 1.86 2.05 -7.31
C LYS A 142 1.70 2.87 -8.61
N ILE A 143 1.21 2.26 -9.69
CA ILE A 143 1.10 3.00 -10.95
C ILE A 143 0.11 4.15 -10.80
N LYS A 144 -1.00 3.91 -10.09
CA LYS A 144 -1.99 4.94 -9.83
C LYS A 144 -1.43 6.13 -9.07
N MET A 145 -0.43 5.90 -8.21
CA MET A 145 0.12 6.97 -7.38
C MET A 145 1.20 7.77 -8.10
N LEU A 146 1.79 7.25 -9.17
CA LEU A 146 2.81 8.01 -9.87
C LEU A 146 2.18 9.22 -10.56
N PRO A 147 2.87 10.35 -10.59
CA PRO A 147 2.41 11.46 -11.43
C PRO A 147 2.16 10.95 -12.84
N PHE A 148 1.13 11.49 -13.49
CA PHE A 148 0.68 10.89 -14.74
C PHE A 148 1.68 11.11 -15.87
N CYS A 149 2.62 12.06 -15.73
CA CYS A 149 3.65 12.25 -16.74
C CYS A 149 4.43 10.97 -17.01
N HIS A 150 4.47 10.03 -16.06
CA HIS A 150 5.18 8.78 -16.27
C HIS A 150 4.55 7.96 -17.39
N CYS A 151 3.22 7.90 -17.43
CA CYS A 151 2.56 7.15 -18.50
C CYS A 151 2.45 7.97 -19.78
N LEU A 152 2.25 9.27 -19.67
CA LEU A 152 2.03 10.08 -20.86
C LEU A 152 3.33 10.42 -21.60
N MET A 153 4.46 10.44 -20.90
CA MET A 153 5.73 10.71 -21.59
C MET A 153 6.35 9.42 -22.09
N GLN A 154 5.59 8.66 -22.87
CA GLN A 154 6.08 7.49 -23.58
C GLN A 154 5.80 7.68 -25.07
N THR A 155 6.59 7.00 -25.90
CA THR A 155 6.43 7.12 -27.35
C THR A 155 4.97 6.93 -27.75
N THR A 156 4.34 5.86 -27.28
CA THR A 156 2.93 5.57 -27.52
C THR A 156 2.28 5.26 -26.17
N PRO A 157 1.69 6.25 -25.52
CA PRO A 157 1.29 6.07 -24.10
C PRO A 157 0.21 5.04 -23.87
N GLN A 158 -0.73 4.85 -24.80
CA GLN A 158 -1.86 3.96 -24.58
C GLN A 158 -2.51 4.25 -23.23
N ASP A 159 -2.66 5.54 -22.91
N ASP A 159 -2.66 5.55 -22.93
CA ASP A 159 -3.07 5.92 -21.56
CA ASP A 159 -3.11 5.99 -21.61
C ASP A 159 -4.47 5.42 -21.23
C ASP A 159 -4.45 5.38 -21.25
N HIS A 160 -5.31 5.16 -22.25
CA HIS A 160 -6.63 4.61 -21.99
C HIS A 160 -6.55 3.15 -21.52
N ILE A 161 -5.58 2.39 -22.02
CA ILE A 161 -5.43 1.00 -21.59
C ILE A 161 -4.92 0.94 -20.16
N VAL A 162 -3.93 1.76 -19.82
CA VAL A 162 -3.41 1.78 -18.46
C VAL A 162 -4.54 2.10 -17.48
N LYS A 163 -5.34 3.12 -17.79
CA LYS A 163 -6.38 3.53 -16.85
C LYS A 163 -7.44 2.45 -16.69
N GLN A 164 -7.85 1.78 -17.78
CA GLN A 164 -8.92 0.79 -17.65
C GLN A 164 -8.44 -0.48 -16.96
N VAL A 165 -7.21 -0.94 -17.24
CA VAL A 165 -6.70 -2.11 -16.52
C VAL A 165 -6.60 -1.79 -15.03
N CYS A 166 -6.09 -0.61 -14.69
CA CYS A 166 -6.00 -0.25 -13.29
C CYS A 166 -7.38 -0.19 -12.64
N TYR A 167 -8.39 0.36 -13.36
CA TYR A 167 -9.75 0.39 -12.83
C TYR A 167 -10.25 -1.03 -12.55
N LEU A 168 -10.07 -1.95 -13.51
CA LEU A 168 -10.59 -3.31 -13.33
C LEU A 168 -10.00 -3.99 -12.10
N ILE A 169 -8.68 -3.85 -11.88
CA ILE A 169 -8.06 -4.52 -10.73
C ILE A 169 -8.38 -3.81 -9.41
N ALA A 170 -8.28 -2.47 -9.37
CA ALA A 170 -8.42 -1.76 -8.10
C ALA A 170 -9.88 -1.72 -7.61
N SER A 171 -10.85 -1.70 -8.53
CA SER A 171 -12.26 -1.59 -8.13
C SER A 171 -12.82 -2.89 -7.58
N ASN A 172 -12.46 -4.02 -8.20
CA ASN A 172 -13.13 -5.30 -7.87
C ASN A 172 -12.27 -6.51 -8.18
N ASN A 173 -10.96 -6.37 -8.36
CA ASN A 173 -10.04 -7.49 -8.65
C ASN A 173 -10.51 -8.35 -9.82
N ARG A 174 -10.89 -7.69 -10.92
CA ARG A 174 -11.43 -8.34 -12.12
C ARG A 174 -10.29 -8.79 -13.06
N ILE A 175 -9.60 -9.84 -12.60
CA ILE A 175 -8.36 -10.29 -13.22
C ILE A 175 -8.60 -10.83 -14.63
N LEU A 176 -9.61 -11.69 -14.80
CA LEU A 176 -9.86 -12.24 -16.13
C LEU A 176 -10.37 -11.16 -17.09
N ASP A 177 -11.21 -10.24 -16.59
CA ASP A 177 -11.67 -9.13 -17.43
C ASP A 177 -10.49 -8.28 -17.91
N ALA A 178 -9.47 -8.13 -17.07
CA ALA A 178 -8.29 -7.37 -17.48
C ALA A 178 -7.53 -8.06 -18.60
N VAL A 179 -7.39 -9.40 -18.53
CA VAL A 179 -6.73 -10.13 -19.63
C VAL A 179 -7.54 -9.98 -20.92
N ARG A 180 -8.86 -10.14 -20.82
CA ARG A 180 -9.73 -10.02 -21.99
C ARG A 180 -9.51 -8.68 -22.68
N TYR A 181 -9.41 -7.61 -21.89
CA TYR A 181 -9.22 -6.27 -22.41
C TYR A 181 -7.83 -6.11 -23.04
N LEU A 182 -6.80 -6.65 -22.39
CA LEU A 182 -5.44 -6.55 -22.91
C LEU A 182 -5.27 -7.33 -24.22
N GLN A 183 -6.01 -8.43 -24.39
N GLN A 183 -5.99 -8.43 -24.40
CA GLN A 183 -5.85 -9.27 -25.57
CA GLN A 183 -5.78 -9.24 -25.60
C GLN A 183 -6.32 -8.57 -26.85
C GLN A 183 -6.34 -8.59 -26.86
N THR A 184 -7.09 -7.50 -26.74
CA THR A 184 -7.65 -6.85 -27.92
C THR A 184 -6.64 -6.00 -28.70
N SER A 185 -5.46 -5.71 -28.14
CA SER A 185 -4.57 -4.74 -28.77
C SER A 185 -3.13 -5.22 -28.75
N VAL A 186 -2.35 -4.77 -29.74
CA VAL A 186 -0.90 -4.82 -29.63
C VAL A 186 -0.45 -3.90 -28.49
N ILE A 187 0.47 -4.38 -27.66
CA ILE A 187 1.04 -3.59 -26.57
C ILE A 187 2.13 -2.66 -27.11
N LYS A 188 2.02 -1.35 -26.83
CA LYS A 188 2.91 -0.37 -27.43
C LYS A 188 3.57 0.57 -26.42
N SER A 189 3.31 0.39 -25.13
CA SER A 189 3.92 1.14 -24.03
C SER A 189 4.58 0.18 -23.05
N PRO A 190 5.74 0.54 -22.50
CA PRO A 190 6.33 -0.30 -21.45
C PRO A 190 5.48 -0.42 -20.20
N ILE A 191 4.66 0.59 -19.87
CA ILE A 191 3.81 0.49 -18.69
C ILE A 191 2.73 -0.58 -18.91
N VAL A 192 2.14 -0.60 -20.10
CA VAL A 192 1.16 -1.63 -20.42
C VAL A 192 1.83 -3.01 -20.39
N LEU A 193 3.06 -3.10 -20.87
CA LEU A 193 3.75 -4.40 -20.84
C LEU A 193 3.97 -4.87 -19.41
N LEU A 194 4.34 -3.97 -18.49
CA LEU A 194 4.49 -4.37 -17.10
C LEU A 194 3.18 -4.94 -16.54
N LEU A 195 2.05 -4.32 -16.87
CA LEU A 195 0.77 -4.82 -16.40
C LEU A 195 0.45 -6.19 -17.00
N ALA A 196 0.79 -6.41 -18.28
CA ALA A 196 0.59 -7.72 -18.90
C ALA A 196 1.42 -8.79 -18.18
N TYR A 197 2.70 -8.50 -17.91
CA TYR A 197 3.56 -9.42 -17.15
C TYR A 197 2.97 -9.71 -15.76
N ALA A 198 2.44 -8.69 -15.08
CA ALA A 198 1.95 -8.88 -13.71
C ALA A 198 0.63 -9.65 -13.67
N VAL A 199 -0.16 -9.61 -14.74
CA VAL A 199 -1.44 -10.30 -14.74
C VAL A 199 -1.38 -11.77 -15.17
N CYS A 200 -0.35 -12.20 -15.91
CA CYS A 200 -0.48 -13.49 -16.60
C CYS A 200 -0.54 -14.67 -15.62
N LEU A 201 0.22 -14.63 -14.51
CA LEU A 201 0.17 -15.81 -13.64
C LEU A 201 -1.08 -15.81 -12.73
N PRO A 202 -1.49 -14.69 -12.12
CA PRO A 202 -2.75 -14.74 -11.34
C PRO A 202 -3.95 -15.17 -12.17
N ALA A 203 -3.98 -14.77 -13.45
CA ALA A 203 -5.03 -15.19 -14.36
C ALA A 203 -4.90 -16.66 -14.70
N ALA A 204 -3.68 -17.13 -15.01
CA ALA A 204 -3.48 -18.53 -15.37
C ALA A 204 -3.95 -19.44 -14.25
N ILE A 205 -3.71 -19.04 -13.00
CA ILE A 205 -4.07 -19.84 -11.84
C ILE A 205 -5.58 -20.04 -11.73
N ILE A 206 -6.38 -19.00 -12.05
CA ILE A 206 -7.83 -19.14 -11.89
C ILE A 206 -8.58 -19.51 -13.17
N CYS A 207 -7.92 -19.59 -14.32
CA CYS A 207 -8.62 -20.07 -15.52
C CYS A 207 -9.09 -21.51 -15.33
N THR A 208 -10.26 -21.83 -15.89
CA THR A 208 -10.72 -23.21 -16.01
C THR A 208 -10.65 -23.66 -17.47
N LYS A 209 -11.13 -24.88 -17.75
CA LYS A 209 -11.16 -25.32 -19.14
C LYS A 209 -12.15 -24.50 -19.96
N ASN A 210 -13.07 -23.77 -19.32
CA ASN A 210 -13.99 -22.89 -20.02
C ASN A 210 -13.36 -21.55 -20.42
N GLU A 211 -12.09 -21.31 -20.07
CA GLU A 211 -11.42 -20.09 -20.50
C GLU A 211 -10.11 -20.44 -21.22
N THR A 212 -10.16 -21.42 -22.13
CA THR A 212 -8.94 -21.90 -22.76
C THR A 212 -8.29 -20.83 -23.63
N GLN A 213 -9.07 -19.95 -24.25
CA GLN A 213 -8.48 -18.87 -25.05
C GLN A 213 -7.68 -17.90 -24.19
N LEU A 214 -8.26 -17.46 -23.07
CA LEU A 214 -7.53 -16.55 -22.19
C LEU A 214 -6.28 -17.21 -21.62
N TYR A 215 -6.39 -18.50 -21.27
CA TYR A 215 -5.23 -19.20 -20.74
C TYR A 215 -4.09 -19.22 -21.77
N SER A 216 -4.42 -19.49 -23.04
CA SER A 216 -3.40 -19.49 -24.08
C SER A 216 -2.71 -18.14 -24.18
N HIS A 217 -3.48 -17.06 -24.03
CA HIS A 217 -2.86 -15.75 -24.08
C HIS A 217 -1.93 -15.53 -22.90
N CYS A 218 -2.34 -15.96 -21.69
CA CYS A 218 -1.45 -15.87 -20.54
C CYS A 218 -0.15 -16.66 -20.76
N MET A 219 -0.24 -17.84 -21.39
CA MET A 219 0.98 -18.59 -21.66
C MET A 219 1.85 -17.90 -22.72
N ARG A 220 1.25 -17.22 -23.70
CA ARG A 220 2.07 -16.44 -24.65
C ARG A 220 2.88 -15.37 -23.92
N ILE A 221 2.22 -14.62 -23.03
CA ILE A 221 2.92 -13.56 -22.29
C ILE A 221 4.04 -14.15 -21.44
N LEU A 222 3.76 -15.23 -20.71
CA LEU A 222 4.76 -15.83 -19.83
C LEU A 222 5.97 -16.34 -20.59
N LYS A 223 5.77 -16.86 -21.80
CA LYS A 223 6.89 -17.38 -22.57
C LYS A 223 7.77 -16.27 -23.16
N GLU A 224 7.19 -15.10 -23.46
CA GLU A 224 7.97 -14.01 -24.06
C GLU A 224 8.80 -13.24 -23.03
N TYR A 225 8.39 -13.24 -21.76
CA TYR A 225 9.17 -12.62 -20.70
C TYR A 225 10.62 -13.13 -20.71
N ARG A 226 11.57 -12.22 -20.49
CA ARG A 226 12.97 -12.60 -20.28
C ARG A 226 13.41 -12.29 -18.86
N PRO A 227 14.11 -13.21 -18.18
CA PRO A 227 14.49 -12.93 -16.79
C PRO A 227 15.13 -11.56 -16.61
N GLY A 228 14.63 -10.83 -15.60
CA GLY A 228 15.11 -9.49 -15.29
C GLY A 228 14.36 -8.35 -15.94
N ASP A 229 13.36 -8.63 -16.79
CA ASP A 229 12.71 -7.58 -17.57
C ASP A 229 11.97 -6.54 -16.71
N VAL A 230 11.40 -6.92 -15.56
CA VAL A 230 10.65 -5.92 -14.79
C VAL A 230 11.59 -4.86 -14.24
N MET A 231 12.71 -5.27 -13.65
CA MET A 231 13.71 -4.31 -13.17
C MET A 231 14.32 -3.51 -14.33
N ASN A 232 14.56 -4.15 -15.47
CA ASN A 232 15.19 -3.45 -16.59
C ASN A 232 14.23 -2.44 -17.22
N ILE A 233 12.96 -2.80 -17.37
CA ILE A 233 11.98 -1.85 -17.92
C ILE A 233 11.81 -0.66 -16.99
N LEU A 234 11.67 -0.91 -15.68
CA LEU A 234 11.46 0.20 -14.74
C LEU A 234 12.70 1.07 -14.62
N HIS A 235 13.89 0.47 -14.65
CA HIS A 235 15.11 1.26 -14.59
C HIS A 235 15.23 2.18 -15.81
N GLU A 236 14.93 1.68 -17.01
CA GLU A 236 15.04 2.54 -18.19
C GLU A 236 13.99 3.65 -18.16
N SER A 237 12.73 3.31 -17.84
CA SER A 237 11.68 4.31 -17.81
C SER A 237 11.98 5.42 -16.80
N LEU A 238 12.33 5.05 -15.57
CA LEU A 238 12.62 6.06 -14.56
C LEU A 238 13.89 6.86 -14.89
N THR A 239 14.88 6.24 -15.53
CA THR A 239 16.08 6.98 -15.91
C THR A 239 15.78 8.02 -16.98
N GLN A 240 15.00 7.63 -18.00
N GLN A 240 14.98 7.65 -17.99
CA GLN A 240 14.65 8.54 -19.09
CA GLN A 240 14.69 8.58 -19.07
C GLN A 240 13.68 9.62 -18.62
C GLN A 240 13.63 9.61 -18.67
N HIS A 241 12.76 9.29 -17.71
CA HIS A 241 11.84 10.30 -17.20
C HIS A 241 12.61 11.38 -16.47
N LEU A 242 13.49 10.98 -15.56
CA LEU A 242 14.29 11.95 -14.82
C LEU A 242 15.05 12.89 -15.75
N ASN A 243 15.33 12.47 -16.98
CA ASN A 243 16.08 13.32 -17.91
C ASN A 243 15.19 14.32 -18.65
N LYS A 244 13.89 14.07 -18.74
CA LYS A 244 13.00 14.77 -19.65
C LYS A 244 11.87 15.55 -18.95
N CYS A 245 11.40 15.09 -17.80
CA CYS A 245 10.33 15.81 -17.13
C CYS A 245 10.89 17.06 -16.44
N PRO A 246 10.32 18.23 -16.65
CA PRO A 246 10.83 19.44 -16.00
C PRO A 246 10.22 19.78 -14.66
N SER A 247 9.34 18.94 -14.12
CA SER A 247 8.59 19.27 -12.90
C SER A 247 9.41 18.95 -11.66
N SER A 248 9.64 19.94 -10.80
CA SER A 248 10.32 19.69 -9.54
C SER A 248 9.43 18.89 -8.59
N THR A 249 8.14 19.19 -8.58
CA THR A 249 7.24 18.39 -7.75
C THR A 249 7.21 16.94 -8.20
N CYS A 250 7.38 16.67 -9.50
CA CYS A 250 7.33 15.28 -9.95
C CYS A 250 8.45 14.46 -9.32
N ALA A 251 9.67 15.00 -9.32
CA ALA A 251 10.79 14.28 -8.73
C ALA A 251 10.52 13.91 -7.27
N TYR A 252 10.04 14.85 -6.46
CA TYR A 252 9.75 14.55 -5.06
C TYR A 252 8.67 13.49 -4.90
N THR A 253 7.59 13.58 -5.68
CA THR A 253 6.52 12.59 -5.54
C THR A 253 6.99 11.22 -6.03
N THR A 254 7.75 11.18 -7.13
CA THR A 254 8.27 9.93 -7.66
C THR A 254 9.17 9.21 -6.65
N ARG A 255 10.07 9.96 -6.00
N ARG A 255 10.08 9.95 -6.00
CA ARG A 255 10.93 9.35 -5.00
CA ARG A 255 10.93 9.33 -5.00
C ARG A 255 10.12 8.69 -3.89
C ARG A 255 10.10 8.67 -3.90
N ALA A 256 9.00 9.30 -3.50
CA ALA A 256 8.16 8.75 -2.44
C ALA A 256 7.56 7.40 -2.84
N ILE A 257 7.13 7.26 -4.10
CA ILE A 257 6.47 6.03 -4.52
C ILE A 257 7.48 4.93 -4.83
N VAL A 258 8.61 5.29 -5.46
CA VAL A 258 9.62 4.31 -5.81
C VAL A 258 10.32 3.78 -4.56
N GLY A 259 10.67 4.67 -3.63
CA GLY A 259 11.46 4.31 -2.47
C GLY A 259 12.95 4.33 -2.77
N THR A 260 13.76 4.14 -1.73
CA THR A 260 15.20 4.11 -1.96
C THR A 260 15.81 2.72 -1.95
N LYS A 261 15.14 1.71 -1.38
CA LYS A 261 15.70 0.37 -1.40
C LYS A 261 14.58 -0.65 -1.22
N ALA A 262 14.85 -1.88 -1.67
CA ALA A 262 13.89 -2.95 -1.54
C ALA A 262 13.95 -3.57 -0.14
N ASN A 263 12.81 -4.09 0.31
CA ASN A 263 12.70 -4.93 1.50
C ASN A 263 12.70 -6.38 0.99
N THR A 264 13.74 -7.16 1.33
CA THR A 264 13.83 -8.52 0.80
C THR A 264 13.28 -9.59 1.77
N THR A 265 12.58 -9.19 2.82
CA THR A 265 12.01 -10.15 3.76
C THR A 265 11.02 -11.06 3.03
N GLY A 266 11.30 -12.36 2.98
CA GLY A 266 10.48 -13.30 2.25
C GLY A 266 10.88 -13.52 0.79
N LEU A 267 11.81 -12.74 0.26
CA LEU A 267 12.33 -12.94 -1.10
C LEU A 267 13.44 -13.99 -1.08
N PHE A 268 13.29 -15.04 -1.91
CA PHE A 268 14.30 -16.10 -2.00
C PHE A 268 15.44 -15.73 -2.95
N PHE A 269 15.12 -15.15 -4.11
CA PHE A 269 16.14 -14.78 -5.09
C PHE A 269 15.64 -13.63 -5.96
N LEU A 270 16.59 -12.81 -6.43
CA LEU A 270 16.35 -11.83 -7.48
C LEU A 270 16.96 -12.39 -8.76
N PRO A 271 16.16 -12.90 -9.70
CA PRO A 271 16.74 -13.50 -10.92
C PRO A 271 17.18 -12.44 -11.92
N THR A 272 18.32 -12.72 -12.59
CA THR A 272 18.84 -11.79 -13.59
C THR A 272 19.37 -12.55 -14.81
N GLN A 273 19.78 -11.79 -15.83
CA GLN A 273 20.49 -12.39 -16.97
C GLN A 273 21.86 -12.85 -16.47
N GLY B 1 -4.98 -17.61 -39.06
CA GLY B 1 -3.60 -17.56 -39.52
C GLY B 1 -2.67 -17.29 -38.36
N PRO B 2 -1.54 -16.63 -38.61
CA PRO B 2 -0.66 -16.27 -37.50
C PRO B 2 -1.41 -15.41 -36.49
N LEU B 3 -0.88 -15.35 -35.29
CA LEU B 3 -1.53 -14.58 -34.25
C LEU B 3 -1.14 -13.12 -34.36
N LEU B 4 -1.94 -12.27 -33.73
CA LEU B 4 -1.58 -10.86 -33.57
C LEU B 4 -0.33 -10.76 -32.70
N LYS B 5 0.63 -9.96 -33.18
CA LYS B 5 1.85 -9.71 -32.42
C LYS B 5 1.52 -9.28 -31.00
N LEU B 6 2.37 -9.69 -30.06
CA LEU B 6 2.11 -9.37 -28.66
C LEU B 6 2.46 -7.92 -28.34
N PHE B 7 3.66 -7.48 -28.69
CA PHE B 7 4.08 -6.11 -28.42
C PHE B 7 5.12 -5.67 -29.45
N ASP B 8 5.27 -4.35 -29.57
CA ASP B 8 6.30 -3.77 -30.42
C ASP B 8 7.67 -3.99 -29.80
N ILE B 9 8.58 -4.60 -30.55
CA ILE B 9 9.89 -4.96 -29.98
C ILE B 9 10.66 -3.73 -29.53
N SER B 10 10.33 -2.56 -30.05
CA SER B 10 11.07 -1.34 -29.72
C SER B 10 10.88 -0.90 -28.28
N ILE B 11 9.87 -1.39 -27.57
CA ILE B 11 9.69 -0.93 -26.19
C ILE B 11 10.60 -1.65 -25.20
N LEU B 12 11.29 -2.71 -25.61
CA LEU B 12 12.18 -3.41 -24.70
C LEU B 12 13.45 -2.61 -24.42
N PRO B 13 14.05 -2.77 -23.23
CA PRO B 13 15.20 -1.94 -22.87
C PRO B 13 16.38 -2.10 -23.81
N LYS B 14 17.16 -1.01 -23.94
CA LYS B 14 18.28 -1.00 -24.86
C LYS B 14 19.44 -1.88 -24.39
N SER B 15 19.59 -2.05 -23.08
CA SER B 15 20.68 -2.86 -22.53
C SER B 15 20.10 -4.00 -21.70
N GLY B 16 20.69 -5.17 -21.85
CA GLY B 16 20.27 -6.34 -21.08
C GLY B 16 21.26 -6.73 -20.00
N GLU B 17 22.00 -5.75 -19.47
CA GLU B 17 22.89 -6.03 -18.35
C GLU B 17 22.13 -5.85 -17.04
N PRO B 18 22.39 -6.70 -16.04
CA PRO B 18 21.49 -6.76 -14.87
C PRO B 18 21.46 -5.46 -14.08
N LYS B 19 20.24 -5.02 -13.75
CA LYS B 19 20.01 -3.87 -12.89
C LYS B 19 19.56 -4.37 -11.52
N LEU B 20 20.35 -4.09 -10.50
CA LEU B 20 20.02 -4.55 -9.15
C LEU B 20 19.25 -3.53 -8.33
N PHE B 21 19.16 -2.27 -8.79
CA PHE B 21 18.54 -1.18 -8.04
C PHE B 21 17.83 -0.25 -9.01
N LEU B 22 16.76 0.39 -8.56
CA LEU B 22 16.08 1.41 -9.35
C LEU B 22 16.70 2.79 -9.07
N PRO B 23 16.63 3.72 -10.03
CA PRO B 23 17.32 5.00 -9.85
C PRO B 23 16.76 5.81 -8.68
N VAL B 24 17.66 6.39 -7.90
CA VAL B 24 17.30 7.26 -6.79
C VAL B 24 17.61 8.70 -7.22
N PRO B 25 16.61 9.54 -7.50
CA PRO B 25 16.90 10.91 -7.95
C PRO B 25 17.26 11.82 -6.79
N SER B 26 18.53 11.84 -6.40
CA SER B 26 18.95 12.67 -5.27
C SER B 26 18.59 14.13 -5.52
N LEU B 27 18.01 14.78 -4.51
CA LEU B 27 17.37 16.08 -4.65
C LEU B 27 18.04 17.13 -3.78
N PRO B 28 17.74 18.42 -3.99
CA PRO B 28 18.52 19.47 -3.31
C PRO B 28 18.52 19.34 -1.80
N CYS B 29 19.54 19.93 -1.18
CA CYS B 29 19.69 19.90 0.26
C CYS B 29 18.67 20.81 0.93
N GLN B 30 18.30 20.44 2.15
CA GLN B 30 17.31 21.19 2.90
C GLN B 30 17.90 22.49 3.45
N GLU B 31 17.04 23.50 3.54
CA GLU B 31 17.37 24.76 4.18
C GLU B 31 17.15 24.64 5.68
N ALA B 32 17.78 25.54 6.45
CA ALA B 32 17.52 25.58 7.88
C ALA B 32 16.05 25.89 8.16
N GLU B 33 15.46 25.20 9.14
CA GLU B 33 14.11 25.53 9.52
C GLU B 33 14.05 26.92 10.15
N LYS B 34 12.89 27.57 10.03
CA LYS B 34 12.73 28.97 10.43
C LYS B 34 12.10 29.08 11.82
N THR B 35 12.86 28.62 12.81
CA THR B 35 12.47 28.69 14.21
C THR B 35 13.75 28.52 15.03
N ASN B 36 13.81 29.19 16.18
N ASN B 36 13.80 29.20 16.17
CA ASN B 36 14.86 28.97 17.16
CA ASN B 36 14.86 28.98 17.17
C ASN B 36 14.40 28.13 18.35
C ASN B 36 14.33 28.26 18.41
N ASP B 37 13.15 27.66 18.32
CA ASP B 37 12.56 26.92 19.44
C ASP B 37 13.14 25.52 19.50
N LYS B 38 13.88 25.21 20.57
N LYS B 38 13.88 25.21 20.57
CA LYS B 38 14.61 23.95 20.63
CA LYS B 38 14.61 23.95 20.63
C LYS B 38 13.69 22.74 20.82
C LYS B 38 13.70 22.74 20.84
N TYR B 39 12.52 22.91 21.45
CA TYR B 39 11.54 21.81 21.50
C TYR B 39 11.03 21.47 20.09
N VAL B 40 10.72 22.50 19.29
CA VAL B 40 10.23 22.29 17.93
C VAL B 40 11.31 21.66 17.05
N LEU B 41 12.55 22.15 17.15
CA LEU B 41 13.62 21.58 16.34
C LEU B 41 13.87 20.11 16.72
N ALA B 42 13.76 19.78 18.01
CA ALA B 42 13.91 18.38 18.44
C ALA B 42 12.81 17.50 17.88
N MET B 43 11.57 18.00 17.89
CA MET B 43 10.45 17.23 17.35
C MET B 43 10.66 16.93 15.86
N ALA B 44 11.23 17.87 15.10
CA ALA B 44 11.49 17.63 13.67
C ALA B 44 12.65 16.65 13.47
N GLN B 45 13.69 16.72 14.30
CA GLN B 45 14.79 15.77 14.18
C GLN B 45 14.30 14.33 14.41
N ARG B 46 13.37 14.13 15.35
CA ARG B 46 12.83 12.81 15.62
C ARG B 46 11.81 12.37 14.55
N ALA B 47 11.08 13.31 13.94
CA ALA B 47 10.15 12.97 12.87
C ALA B 47 10.86 12.40 11.65
N MET B 48 12.15 12.72 11.47
CA MET B 48 12.93 12.25 10.33
C MET B 48 13.32 10.78 10.40
N HIS B 49 13.08 10.09 11.52
CA HIS B 49 13.57 8.72 11.71
C HIS B 49 12.48 7.82 12.27
N ASP B 50 12.68 6.50 12.10
CA ASP B 50 11.70 5.47 12.52
C ASP B 50 11.96 5.12 13.99
N VAL B 51 11.63 6.08 14.84
CA VAL B 51 11.65 5.97 16.31
C VAL B 51 10.55 5.01 16.77
N PRO B 52 10.78 4.16 17.77
CA PRO B 52 9.67 3.37 18.35
C PRO B 52 8.48 4.25 18.71
N ILE B 53 7.27 3.80 18.35
CA ILE B 53 6.14 4.70 18.44
C ILE B 53 5.79 5.07 19.88
N SER B 54 6.06 4.20 20.85
CA SER B 54 5.84 4.58 22.24
C SER B 54 6.65 5.83 22.61
N SER B 55 7.83 6.02 22.02
CA SER B 55 8.62 7.22 22.30
C SER B 55 7.97 8.49 21.77
N LYS B 56 7.05 8.40 20.80
CA LYS B 56 6.43 9.57 20.19
C LYS B 56 5.07 9.92 20.80
N GLN B 57 4.65 9.22 21.87
CA GLN B 57 3.38 9.50 22.53
C GLN B 57 3.30 10.93 23.04
N LEU B 58 2.14 11.57 22.83
N LEU B 58 2.19 11.61 22.73
CA LEU B 58 1.91 12.94 23.26
CA LEU B 58 1.89 12.95 23.25
C LEU B 58 0.48 13.06 23.80
C LEU B 58 0.49 12.89 23.86
N THR B 59 0.37 13.37 25.10
CA THR B 59 -0.94 13.41 25.75
C THR B 59 -1.77 14.53 25.15
N ALA B 60 -3.00 14.21 24.76
CA ALA B 60 -3.70 15.11 23.86
C ALA B 60 -4.00 16.45 24.51
N ASN B 61 -4.18 16.50 25.83
CA ASN B 61 -4.45 17.77 26.49
C ASN B 61 -3.21 18.65 26.64
N LEU B 62 -2.02 18.17 26.30
CA LEU B 62 -0.84 19.03 26.18
C LEU B 62 -0.65 19.56 24.76
N LEU B 63 -1.37 19.01 23.78
CA LEU B 63 -1.18 19.46 22.41
C LEU B 63 -1.57 20.92 22.19
N PRO B 64 -2.61 21.48 22.84
CA PRO B 64 -2.96 22.89 22.56
C PRO B 64 -1.81 23.88 22.70
N VAL B 65 -0.99 23.77 23.75
N VAL B 65 -0.98 23.77 23.75
CA VAL B 65 0.11 24.74 23.94
CA VAL B 65 0.11 24.72 23.95
C VAL B 65 1.21 24.52 22.91
C VAL B 65 1.34 24.42 23.11
N LYS B 66 1.35 23.31 22.37
CA LYS B 66 2.42 23.03 21.43
C LYS B 66 2.05 23.37 19.98
N PHE B 67 0.78 23.66 19.72
CA PHE B 67 0.29 23.83 18.35
C PHE B 67 0.96 25.02 17.66
N LYS B 68 0.88 26.22 18.24
CA LYS B 68 1.48 27.36 17.55
C LYS B 68 2.99 27.22 17.38
N PRO B 69 3.77 26.75 18.38
CA PRO B 69 5.19 26.48 18.12
C PRO B 69 5.43 25.53 16.96
N LEU B 70 4.67 24.44 16.89
CA LEU B 70 4.89 23.44 15.84
C LEU B 70 4.50 23.97 14.46
N LEU B 71 3.60 24.95 14.38
CA LEU B 71 3.25 25.55 13.09
C LEU B 71 4.48 26.11 12.36
N SER B 72 5.51 26.58 13.07
CA SER B 72 6.67 27.18 12.41
C SER B 72 7.31 26.21 11.41
N ILE B 73 7.15 24.90 11.62
CA ILE B 73 7.56 23.89 10.63
C ILE B 73 6.37 23.34 9.84
N VAL B 74 5.28 22.94 10.51
CA VAL B 74 4.22 22.23 9.81
C VAL B 74 3.55 23.11 8.77
N ARG B 75 3.39 24.41 9.05
CA ARG B 75 2.81 25.33 8.07
C ARG B 75 3.83 26.20 7.35
N TYR B 76 4.96 26.54 7.96
CA TYR B 76 5.81 27.60 7.40
C TYR B 76 7.22 27.12 7.04
N THR B 77 7.45 25.81 6.91
CA THR B 77 8.78 25.32 6.59
C THR B 77 9.21 25.75 5.18
N PRO B 78 10.48 26.10 4.99
CA PRO B 78 10.99 26.27 3.62
C PRO B 78 11.22 24.95 2.89
N ASN B 79 11.04 23.81 3.55
CA ASN B 79 11.28 22.49 2.96
C ASN B 79 9.97 21.73 2.76
N TYR B 80 8.97 22.39 2.18
CA TYR B 80 7.62 21.81 2.12
C TYR B 80 7.59 20.51 1.33
N TYR B 81 8.14 20.50 0.11
CA TYR B 81 8.02 19.28 -0.70
C TYR B 81 8.84 18.14 -0.12
N TYR B 82 9.98 18.44 0.52
CA TYR B 82 10.74 17.40 1.21
C TYR B 82 9.94 16.73 2.32
N TRP B 83 9.26 17.52 3.16
CA TRP B 83 8.48 16.94 4.26
C TRP B 83 7.28 16.16 3.75
N VAL B 84 6.55 16.70 2.77
CA VAL B 84 5.37 16.01 2.26
C VAL B 84 5.76 14.68 1.61
N SER B 85 6.88 14.69 0.87
CA SER B 85 7.39 13.50 0.19
C SER B 85 7.82 12.43 1.19
N MET B 86 8.52 12.84 2.26
CA MET B 86 8.90 11.92 3.33
C MET B 86 7.67 11.22 3.90
N ARG B 87 6.62 11.98 4.20
CA ARG B 87 5.42 11.41 4.82
C ARG B 87 4.65 10.53 3.84
N LYS B 88 4.56 10.95 2.57
CA LYS B 88 3.89 10.14 1.57
C LYS B 88 4.62 8.82 1.32
N GLU B 89 5.95 8.82 1.41
CA GLU B 89 6.70 7.57 1.25
C GLU B 89 6.30 6.54 2.30
N THR B 90 6.21 6.97 3.56
CA THR B 90 5.77 6.09 4.64
C THR B 90 4.33 5.62 4.44
N ILE B 91 3.44 6.55 4.07
CA ILE B 91 2.02 6.23 3.94
C ILE B 91 1.77 5.30 2.74
N ALA B 92 2.45 5.54 1.62
CA ALA B 92 2.25 4.71 0.43
C ALA B 92 2.73 3.28 0.64
N SER B 93 3.60 3.05 1.62
CA SER B 93 4.08 1.71 1.97
C SER B 93 3.58 1.24 3.34
N ALA B 94 2.48 1.81 3.83
CA ALA B 94 2.07 1.59 5.21
C ALA B 94 1.25 0.32 5.44
N ASN B 95 1.56 -0.40 6.54
CA ASN B 95 0.68 -1.41 7.11
C ASN B 95 -0.41 -0.71 7.94
N LEU B 96 -1.33 -1.49 8.54
CA LEU B 96 -2.44 -0.87 9.26
C LEU B 96 -2.02 -0.18 10.55
N CYS B 97 -0.99 -0.69 11.25
CA CYS B 97 -0.44 0.04 12.41
C CYS B 97 -0.03 1.46 12.04
N THR B 98 0.70 1.59 10.94
CA THR B 98 1.17 2.90 10.47
C THR B 98 0.02 3.78 10.06
N VAL B 99 -0.95 3.25 9.31
CA VAL B 99 -2.12 4.02 8.92
C VAL B 99 -2.84 4.58 10.14
N ALA B 100 -3.00 3.75 11.19
CA ALA B 100 -3.76 4.17 12.35
C ALA B 100 -3.07 5.32 13.07
N ALA B 101 -1.74 5.24 13.22
CA ALA B 101 -0.96 6.29 13.88
C ALA B 101 -1.08 7.62 13.14
N PHE B 102 -0.90 7.61 11.82
CA PHE B 102 -1.02 8.84 11.04
C PHE B 102 -2.44 9.41 11.07
N LEU B 103 -3.47 8.55 11.13
CA LEU B 103 -4.85 9.05 11.19
C LEU B 103 -5.11 9.79 12.50
N ASP B 104 -4.72 9.21 13.65
CA ASP B 104 -4.92 9.89 14.92
C ASP B 104 -4.15 11.22 14.97
N GLU B 105 -2.91 11.24 14.47
CA GLU B 105 -2.15 12.50 14.39
C GLU B 105 -2.91 13.56 13.58
N SER B 106 -3.42 13.18 12.40
CA SER B 106 -4.04 14.16 11.53
C SER B 106 -5.34 14.69 12.11
N LEU B 107 -6.11 13.84 12.78
CA LEU B 107 -7.40 14.27 13.30
C LEU B 107 -7.23 15.16 14.52
N CYS B 108 -6.24 14.89 15.38
CA CYS B 108 -5.98 15.79 16.51
C CYS B 108 -5.46 17.13 16.02
N TRP B 109 -4.62 17.11 14.98
CA TRP B 109 -4.15 18.34 14.37
C TRP B 109 -5.32 19.15 13.81
N GLY B 110 -6.23 18.48 13.10
CA GLY B 110 -7.41 19.16 12.58
C GLY B 110 -8.28 19.78 13.66
N GLN B 111 -8.42 19.09 14.81
CA GLN B 111 -9.17 19.68 15.91
C GLN B 111 -8.50 20.95 16.45
N GLN B 112 -7.16 21.04 16.40
CA GLN B 112 -6.51 22.29 16.82
C GLN B 112 -6.79 23.42 15.83
N TYR B 113 -6.92 23.12 14.53
CA TYR B 113 -7.38 24.13 13.57
C TYR B 113 -8.70 24.73 14.03
N LEU B 114 -9.65 23.89 14.42
CA LEU B 114 -10.95 24.38 14.87
C LEU B 114 -10.83 25.21 16.14
N LYS B 115 -10.06 24.71 17.11
CA LYS B 115 -9.88 25.45 18.36
C LYS B 115 -9.28 26.83 18.11
N ASN B 116 -8.56 27.01 17.01
CA ASN B 116 -7.88 28.26 16.69
C ASN B 116 -8.57 29.03 15.56
N ASP B 117 -9.80 28.66 15.22
CA ASP B 117 -10.57 29.29 14.15
C ASP B 117 -9.81 29.39 12.82
N PHE B 118 -9.10 28.33 12.47
CA PHE B 118 -8.54 28.20 11.14
C PHE B 118 -9.54 27.51 10.20
N ILE B 119 -9.54 27.94 8.92
CA ILE B 119 -10.34 27.29 7.88
C ILE B 119 -9.50 26.21 7.20
N PHE B 120 -10.16 25.24 6.55
CA PHE B 120 -9.49 24.17 5.81
C PHE B 120 -9.49 24.46 4.31
N SER B 121 -8.32 24.35 3.68
CA SER B 121 -8.22 24.60 2.25
C SER B 121 -6.98 23.93 1.66
N GLU B 122 -7.10 23.52 0.40
CA GLU B 122 -6.03 22.78 -0.25
C GLU B 122 -4.85 23.67 -0.64
N ASN B 123 -5.00 24.98 -0.58
CA ASN B 123 -3.89 25.88 -0.78
C ASN B 123 -3.22 26.29 0.52
N GLY B 124 -3.49 25.58 1.61
CA GLY B 124 -3.03 26.01 2.91
C GLY B 124 -1.62 25.64 3.29
N LYS B 125 -0.93 24.85 2.48
CA LYS B 125 0.43 24.41 2.78
C LYS B 125 0.60 23.94 4.21
N ASP B 126 0.12 22.75 4.51
CA ASP B 126 0.24 22.13 5.83
C ASP B 126 0.71 20.71 5.57
N ILE B 127 1.89 20.36 6.09
CA ILE B 127 2.48 19.07 5.73
C ILE B 127 1.72 17.90 6.36
N ILE B 128 0.93 18.14 7.42
CA ILE B 128 0.10 17.06 7.97
C ILE B 128 -1.19 16.91 7.17
N LEU B 129 -1.91 18.02 6.96
CA LEU B 129 -3.18 17.93 6.26
C LEU B 129 -3.02 17.53 4.80
N ASP B 130 -1.90 17.90 4.14
CA ASP B 130 -1.75 17.66 2.72
C ASP B 130 -1.34 16.22 2.39
N THR B 131 -1.20 15.34 3.38
CA THR B 131 -1.10 13.91 3.13
C THR B 131 -2.37 13.14 3.54
N SER B 132 -3.46 13.85 3.89
CA SER B 132 -4.67 13.15 4.36
C SER B 132 -5.40 12.39 3.24
N SER B 133 -5.31 12.84 1.99
CA SER B 133 -5.94 12.09 0.91
C SER B 133 -5.20 10.77 0.66
N ALA B 134 -3.86 10.80 0.62
CA ALA B 134 -3.08 9.57 0.48
C ALA B 134 -3.40 8.59 1.62
N LEU B 135 -3.60 9.12 2.83
CA LEU B 135 -3.92 8.29 3.99
C LEU B 135 -5.30 7.65 3.89
N LEU B 136 -6.30 8.38 3.40
CA LEU B 136 -7.62 7.78 3.17
C LEU B 136 -7.55 6.63 2.16
N SER B 137 -6.84 6.84 1.05
CA SER B 137 -6.69 5.78 0.06
C SER B 137 -6.00 4.55 0.65
N GLN B 138 -5.01 4.77 1.52
CA GLN B 138 -4.31 3.64 2.13
C GLN B 138 -5.21 2.88 3.10
N LEU B 139 -6.01 3.58 3.91
CA LEU B 139 -6.96 2.92 4.81
C LEU B 139 -7.93 2.05 4.01
N VAL B 140 -8.49 2.58 2.92
CA VAL B 140 -9.39 1.78 2.07
C VAL B 140 -8.68 0.54 1.55
N HIS B 141 -7.41 0.66 1.14
CA HIS B 141 -6.66 -0.48 0.62
C HIS B 141 -6.46 -1.55 1.70
N LYS B 142 -6.19 -1.13 2.94
CA LYS B 142 -6.08 -2.10 4.04
C LYS B 142 -7.43 -2.79 4.31
N ILE B 143 -8.54 -2.03 4.36
CA ILE B 143 -9.84 -2.64 4.66
C ILE B 143 -10.21 -3.65 3.57
N LYS B 144 -9.94 -3.32 2.30
CA LYS B 144 -10.26 -4.27 1.23
C LYS B 144 -9.44 -5.55 1.32
N MET B 145 -8.26 -5.50 1.93
CA MET B 145 -7.43 -6.69 2.06
C MET B 145 -7.83 -7.59 3.23
N LEU B 146 -8.54 -7.07 4.22
CA LEU B 146 -8.90 -7.89 5.37
C LEU B 146 -9.95 -8.94 4.96
N PRO B 147 -9.87 -10.15 5.49
CA PRO B 147 -10.97 -11.11 5.33
C PRO B 147 -12.32 -10.49 5.67
N PHE B 148 -13.35 -10.90 4.92
CA PHE B 148 -14.67 -10.24 4.99
C PHE B 148 -15.33 -10.39 6.37
N CYS B 149 -14.97 -11.43 7.10
CA CYS B 149 -15.49 -11.63 8.45
C CYS B 149 -15.21 -10.45 9.38
N HIS B 150 -14.17 -9.65 9.12
CA HIS B 150 -13.93 -8.49 9.98
C HIS B 150 -15.08 -7.49 9.91
N CYS B 151 -15.67 -7.28 8.72
CA CYS B 151 -16.83 -6.39 8.63
C CYS B 151 -18.13 -7.10 9.02
N LEU B 152 -18.26 -8.38 8.67
CA LEU B 152 -19.51 -9.09 8.90
C LEU B 152 -19.74 -9.45 10.36
N MET B 153 -18.69 -9.53 11.18
CA MET B 153 -18.85 -9.95 12.57
C MET B 153 -18.97 -8.75 13.52
N GLN B 154 -19.49 -7.63 13.03
CA GLN B 154 -19.88 -6.50 13.88
C GLN B 154 -21.37 -6.61 14.19
N THR B 155 -21.81 -5.91 15.24
CA THR B 155 -23.21 -6.03 15.66
C THR B 155 -24.17 -5.63 14.54
N THR B 156 -23.88 -4.51 13.85
CA THR B 156 -24.69 -4.01 12.74
C THR B 156 -23.70 -3.75 11.61
N PRO B 157 -23.47 -4.73 10.74
CA PRO B 157 -22.29 -4.62 9.84
C PRO B 157 -22.36 -3.48 8.83
N GLN B 158 -23.54 -3.12 8.33
CA GLN B 158 -23.67 -2.11 7.27
C GLN B 158 -22.68 -2.38 6.13
N ASP B 159 -22.63 -3.65 5.69
N ASP B 159 -22.66 -3.65 5.70
CA ASP B 159 -21.61 -4.00 4.71
CA ASP B 159 -21.69 -4.09 4.69
C ASP B 159 -21.85 -3.36 3.34
C ASP B 159 -21.85 -3.34 3.38
N HIS B 160 -23.09 -2.98 3.02
CA HIS B 160 -23.30 -2.26 1.76
C HIS B 160 -22.64 -0.89 1.80
N ILE B 161 -22.57 -0.23 2.96
CA ILE B 161 -21.90 1.05 3.08
C ILE B 161 -20.38 0.88 2.96
N VAL B 162 -19.81 -0.09 3.68
CA VAL B 162 -18.37 -0.33 3.58
C VAL B 162 -18.00 -0.55 2.11
N LYS B 163 -18.76 -1.41 1.43
CA LYS B 163 -18.44 -1.78 0.05
C LYS B 163 -18.51 -0.59 -0.89
N GLN B 164 -19.55 0.25 -0.75
CA GLN B 164 -19.71 1.35 -1.69
C GLN B 164 -18.72 2.48 -1.42
N VAL B 165 -18.43 2.78 -0.14
CA VAL B 165 -17.42 3.80 0.13
C VAL B 165 -16.05 3.35 -0.38
N CYS B 166 -15.69 2.07 -0.17
CA CYS B 166 -14.40 1.58 -0.66
C CYS B 166 -14.34 1.63 -2.18
N TYR B 167 -15.43 1.28 -2.86
CA TYR B 167 -15.46 1.35 -4.32
C TYR B 167 -15.26 2.77 -4.83
N LEU B 168 -15.95 3.74 -4.23
CA LEU B 168 -15.84 5.12 -4.70
C LEU B 168 -14.40 5.64 -4.60
N ILE B 169 -13.69 5.30 -3.51
CA ILE B 169 -12.32 5.76 -3.32
C ILE B 169 -11.33 4.97 -4.19
N ALA B 170 -11.44 3.63 -4.19
CA ALA B 170 -10.45 2.81 -4.91
C ALA B 170 -10.57 2.93 -6.42
N SER B 171 -11.79 3.09 -6.93
CA SER B 171 -12.02 3.12 -8.37
C SER B 171 -11.53 4.42 -8.99
N ASN B 172 -11.87 5.57 -8.37
CA ASN B 172 -11.56 6.86 -9.00
C ASN B 172 -11.41 8.01 -8.01
N ASN B 173 -11.09 7.73 -6.74
CA ASN B 173 -10.84 8.73 -5.70
C ASN B 173 -11.97 9.75 -5.60
N ARG B 174 -13.21 9.24 -5.54
CA ARG B 174 -14.41 10.08 -5.54
C ARG B 174 -14.77 10.47 -4.10
N ILE B 175 -13.95 11.38 -3.57
CA ILE B 175 -14.01 11.70 -2.15
C ILE B 175 -15.33 12.35 -1.78
N LEU B 176 -15.75 13.37 -2.52
CA LEU B 176 -17.00 14.05 -2.14
C LEU B 176 -18.22 13.15 -2.34
N ASP B 177 -18.23 12.31 -3.38
CA ASP B 177 -19.32 11.33 -3.53
C ASP B 177 -19.38 10.39 -2.32
N ALA B 178 -18.24 10.04 -1.73
CA ALA B 178 -18.24 9.18 -0.55
C ALA B 178 -18.85 9.90 0.65
N VAL B 179 -18.59 11.21 0.79
CA VAL B 179 -19.26 11.95 1.85
C VAL B 179 -20.76 11.99 1.59
N ARG B 180 -21.17 12.26 0.33
CA ARG B 180 -22.58 12.28 0.00
C ARG B 180 -23.28 11.00 0.41
N TYR B 181 -22.63 9.86 0.15
CA TYR B 181 -23.19 8.55 0.48
C TYR B 181 -23.24 8.33 1.98
N LEU B 182 -22.19 8.73 2.69
CA LEU B 182 -22.16 8.56 4.14
C LEU B 182 -23.25 9.38 4.85
N GLN B 183 -23.73 10.46 4.21
CA GLN B 183 -24.75 11.31 4.84
C GLN B 183 -26.12 10.66 4.92
N THR B 184 -26.34 9.56 4.20
CA THR B 184 -27.69 9.05 4.08
C THR B 184 -28.11 8.15 5.23
N SER B 185 -27.22 7.76 6.15
CA SER B 185 -27.63 6.86 7.21
C SER B 185 -26.91 7.19 8.50
N VAL B 186 -27.55 6.86 9.63
CA VAL B 186 -26.83 6.85 10.90
C VAL B 186 -25.74 5.78 10.84
N ILE B 187 -24.56 6.09 11.37
CA ILE B 187 -23.45 5.13 11.37
C ILE B 187 -23.60 4.17 12.55
N LYS B 188 -23.56 2.86 12.27
CA LYS B 188 -23.83 1.85 13.27
C LYS B 188 -22.74 0.77 13.36
N SER B 189 -21.71 0.85 12.51
CA SER B 189 -20.56 -0.06 12.50
C SER B 189 -19.28 0.71 12.81
N PRO B 190 -18.41 0.19 13.67
CA PRO B 190 -17.12 0.89 13.87
C PRO B 190 -16.25 0.95 12.63
N ILE B 191 -16.41 0.03 11.67
CA ILE B 191 -15.62 0.11 10.45
C ILE B 191 -16.08 1.28 9.59
N VAL B 192 -17.40 1.49 9.50
CA VAL B 192 -17.93 2.65 8.81
C VAL B 192 -17.48 3.94 9.51
N LEU B 193 -17.43 3.94 10.85
CA LEU B 193 -16.98 5.14 11.54
C LEU B 193 -15.51 5.46 11.23
N LEU B 194 -14.65 4.44 11.11
CA LEU B 194 -13.27 4.71 10.70
C LEU B 194 -13.20 5.39 9.34
N LEU B 195 -14.01 4.92 8.39
CA LEU B 195 -14.04 5.53 7.06
C LEU B 195 -14.52 6.98 7.13
N ALA B 196 -15.55 7.26 7.95
CA ALA B 196 -16.01 8.64 8.14
C ALA B 196 -14.91 9.54 8.72
N TYR B 197 -14.25 9.07 9.79
CA TYR B 197 -13.11 9.81 10.34
C TYR B 197 -12.03 10.06 9.27
N ALA B 198 -11.75 9.07 8.43
CA ALA B 198 -10.68 9.21 7.44
C ALA B 198 -11.04 10.12 6.27
N VAL B 199 -12.33 10.25 5.94
N VAL B 199 -12.33 10.27 5.97
CA VAL B 199 -12.73 11.07 4.81
CA VAL B 199 -12.74 11.07 4.82
C VAL B 199 -12.90 12.55 5.16
C VAL B 199 -12.85 12.56 5.17
N CYS B 200 -13.08 12.91 6.44
CA CYS B 200 -13.60 14.26 6.72
C CYS B 200 -12.59 15.36 6.39
N LEU B 201 -11.30 15.15 6.66
CA LEU B 201 -10.34 16.22 6.37
C LEU B 201 -10.01 16.32 4.88
N PRO B 202 -9.74 15.23 4.15
CA PRO B 202 -9.45 15.39 2.71
C PRO B 202 -10.65 15.89 1.92
N ALA B 203 -11.87 15.59 2.37
CA ALA B 203 -13.06 16.18 1.74
C ALA B 203 -13.17 17.67 2.07
N ALA B 204 -12.96 18.05 3.33
CA ALA B 204 -13.15 19.46 3.70
C ALA B 204 -12.20 20.35 2.92
N ILE B 205 -10.97 19.89 2.70
N ILE B 205 -10.97 19.87 2.72
CA ILE B 205 -9.97 20.75 2.07
CA ILE B 205 -9.92 20.64 2.06
C ILE B 205 -10.13 20.87 0.56
C ILE B 205 -10.32 21.01 0.63
N ILE B 206 -11.05 20.13 -0.06
CA ILE B 206 -11.37 20.36 -1.47
C ILE B 206 -12.78 20.91 -1.72
N CYS B 207 -13.57 21.14 -0.68
CA CYS B 207 -14.89 21.77 -0.89
C CYS B 207 -14.74 23.20 -1.39
N THR B 208 -15.57 23.55 -2.37
CA THR B 208 -15.70 24.93 -2.85
C THR B 208 -16.90 25.61 -2.19
N LYS B 209 -17.17 26.85 -2.60
CA LYS B 209 -18.33 27.56 -2.06
C LYS B 209 -19.65 26.92 -2.49
N ASN B 210 -19.63 26.09 -3.53
CA ASN B 210 -20.84 25.36 -3.93
C ASN B 210 -21.10 24.11 -3.09
N GLU B 211 -20.20 23.74 -2.19
CA GLU B 211 -20.35 22.54 -1.37
C GLU B 211 -20.30 22.86 0.12
N THR B 212 -20.93 23.96 0.54
CA THR B 212 -20.87 24.36 1.94
C THR B 212 -21.57 23.34 2.85
N GLN B 213 -22.63 22.68 2.35
CA GLN B 213 -23.33 21.69 3.16
C GLN B 213 -22.46 20.47 3.42
N LEU B 214 -21.70 20.01 2.41
CA LEU B 214 -20.78 18.90 2.64
C LEU B 214 -19.67 19.29 3.62
N TYR B 215 -19.14 20.51 3.49
CA TYR B 215 -18.13 20.98 4.45
C TYR B 215 -18.67 20.93 5.86
N SER B 216 -19.91 21.40 6.06
CA SER B 216 -20.53 21.39 7.37
C SER B 216 -20.63 19.99 7.94
N HIS B 217 -20.97 18.99 7.10
CA HIS B 217 -21.00 17.62 7.57
C HIS B 217 -19.62 17.13 7.99
N CYS B 218 -18.58 17.47 7.22
CA CYS B 218 -17.22 17.09 7.60
C CYS B 218 -16.85 17.65 8.97
N MET B 219 -17.26 18.89 9.27
CA MET B 219 -16.94 19.48 10.57
C MET B 219 -17.70 18.81 11.71
N ARG B 220 -18.93 18.33 11.46
CA ARG B 220 -19.63 17.54 12.47
C ARG B 220 -18.82 16.29 12.84
N ILE B 221 -18.29 15.60 11.83
CA ILE B 221 -17.52 14.38 12.09
C ILE B 221 -16.26 14.71 12.89
N LEU B 222 -15.53 15.75 12.46
CA LEU B 222 -14.28 16.14 13.12
C LEU B 222 -14.51 16.49 14.58
N LYS B 223 -15.63 17.16 14.88
CA LYS B 223 -15.90 17.61 16.24
C LYS B 223 -16.25 16.44 17.17
N GLU B 224 -16.89 15.40 16.64
N GLU B 224 -16.88 15.38 16.65
CA GLU B 224 -17.27 14.26 17.46
CA GLU B 224 -17.27 14.25 17.48
C GLU B 224 -16.07 13.38 17.80
C GLU B 224 -16.13 13.25 17.70
N TYR B 225 -15.04 13.37 16.96
CA TYR B 225 -13.84 12.57 17.21
C TYR B 225 -13.27 12.88 18.59
N ARG B 226 -12.72 11.86 19.26
CA ARG B 226 -11.92 12.09 20.46
C ARG B 226 -10.51 11.53 20.31
N PRO B 227 -9.48 12.27 20.80
CA PRO B 227 -8.09 11.81 20.66
C PRO B 227 -7.88 10.34 20.98
N GLY B 228 -7.26 9.64 20.05
CA GLY B 228 -6.99 8.22 20.19
C GLY B 228 -8.04 7.28 19.64
N ASP B 229 -9.16 7.80 19.11
CA ASP B 229 -10.26 6.91 18.70
C ASP B 229 -9.83 5.88 17.65
N VAL B 230 -8.95 6.22 16.71
CA VAL B 230 -8.66 5.26 15.64
C VAL B 230 -7.90 4.05 16.21
N MET B 231 -6.85 4.31 16.99
CA MET B 231 -6.16 3.21 17.66
C MET B 231 -7.08 2.44 18.60
N ASN B 232 -7.95 3.14 19.35
CA ASN B 232 -8.84 2.46 20.31
C ASN B 232 -9.85 1.56 19.60
N ILE B 233 -10.45 2.06 18.50
CA ILE B 233 -11.42 1.27 17.75
C ILE B 233 -10.78 0.00 17.20
N LEU B 234 -9.61 0.13 16.58
CA LEU B 234 -8.96 -1.02 15.96
C LEU B 234 -8.45 -1.99 17.01
N HIS B 235 -7.89 -1.50 18.12
CA HIS B 235 -7.41 -2.39 19.17
C HIS B 235 -8.54 -3.26 19.69
N GLU B 236 -9.72 -2.66 19.92
CA GLU B 236 -10.85 -3.43 20.43
C GLU B 236 -11.40 -4.39 19.38
N SER B 237 -11.58 -3.93 18.13
CA SER B 237 -12.18 -4.79 17.11
C SER B 237 -11.29 -5.99 16.80
N LEU B 238 -9.96 -5.77 16.73
CA LEU B 238 -9.04 -6.86 16.43
C LEU B 238 -8.97 -7.86 17.58
N THR B 239 -9.05 -7.40 18.85
CA THR B 239 -9.03 -8.34 19.97
C THR B 239 -10.31 -9.20 19.99
N GLN B 240 -11.49 -8.57 19.85
CA GLN B 240 -12.73 -9.33 19.82
C GLN B 240 -12.70 -10.37 18.70
N HIS B 241 -12.13 -9.99 17.56
CA HIS B 241 -12.15 -10.88 16.40
C HIS B 241 -11.35 -12.15 16.68
N LEU B 242 -10.17 -12.00 17.28
CA LEU B 242 -9.37 -13.15 17.69
C LEU B 242 -10.11 -14.03 18.68
N ASN B 243 -11.02 -13.46 19.48
CA ASN B 243 -11.75 -14.24 20.47
C ASN B 243 -13.02 -14.91 19.93
N LYS B 244 -13.41 -14.66 18.68
CA LYS B 244 -14.67 -15.19 18.14
C LYS B 244 -14.61 -15.78 16.73
N CYS B 245 -13.65 -15.42 15.89
CA CYS B 245 -13.67 -15.89 14.49
C CYS B 245 -13.28 -17.37 14.40
N PRO B 246 -14.09 -18.22 13.76
CA PRO B 246 -13.78 -19.65 13.68
C PRO B 246 -12.89 -20.08 12.52
N SER B 247 -12.43 -19.17 11.67
CA SER B 247 -11.62 -19.56 10.51
C SER B 247 -10.24 -20.06 10.95
N SER B 248 -9.72 -21.07 10.25
CA SER B 248 -8.38 -21.56 10.53
C SER B 248 -7.29 -20.73 9.84
N THR B 249 -7.65 -19.84 8.92
CA THR B 249 -6.68 -19.06 8.14
C THR B 249 -6.75 -17.56 8.36
N CYS B 250 -7.86 -17.05 8.89
CA CYS B 250 -8.05 -15.61 9.03
C CYS B 250 -6.92 -14.95 9.81
N ALA B 251 -6.50 -15.58 10.92
CA ALA B 251 -5.51 -14.94 11.76
C ALA B 251 -4.21 -14.68 11.01
N TYR B 252 -3.86 -15.59 10.09
CA TYR B 252 -2.63 -15.40 9.30
C TYR B 252 -2.80 -14.34 8.24
N THR B 253 -3.94 -14.33 7.53
CA THR B 253 -4.14 -13.25 6.56
C THR B 253 -4.13 -11.89 7.28
N THR B 254 -4.77 -11.83 8.45
CA THR B 254 -4.91 -10.57 9.17
C THR B 254 -3.58 -10.06 9.73
N ARG B 255 -2.74 -10.95 10.30
CA ARG B 255 -1.49 -10.48 10.90
C ARG B 255 -0.61 -9.79 9.86
N ALA B 256 -0.64 -10.26 8.61
CA ALA B 256 0.18 -9.67 7.55
C ALA B 256 -0.30 -8.27 7.18
N ILE B 257 -1.60 -8.02 7.26
N ILE B 257 -1.61 -8.04 7.21
CA ILE B 257 -2.16 -6.72 6.90
CA ILE B 257 -2.16 -6.73 6.91
C ILE B 257 -2.02 -5.72 8.04
C ILE B 257 -1.87 -5.76 8.05
N VAL B 258 -2.16 -6.18 9.29
CA VAL B 258 -1.95 -5.30 10.45
C VAL B 258 -0.49 -4.90 10.56
N GLY B 259 0.41 -5.87 10.43
CA GLY B 259 1.83 -5.64 10.56
C GLY B 259 2.36 -5.83 11.98
N THR B 260 3.69 -5.96 12.04
CA THR B 260 4.43 -6.19 13.28
C THR B 260 4.57 -4.92 14.12
N LYS B 261 4.80 -3.79 13.48
CA LYS B 261 4.91 -2.52 14.18
C LYS B 261 4.76 -1.38 13.19
N ALA B 262 4.50 -0.18 13.74
CA ALA B 262 4.37 1.01 12.91
C ALA B 262 5.74 1.53 12.45
N ASN B 263 5.76 2.15 11.28
CA ASN B 263 6.89 2.94 10.80
C ASN B 263 6.57 4.41 11.07
N THR B 264 7.40 5.08 11.90
CA THR B 264 7.10 6.46 12.30
C THR B 264 7.90 7.51 11.52
N THR B 265 8.53 7.14 10.39
CA THR B 265 9.27 8.13 9.58
C THR B 265 8.28 9.15 9.01
N GLY B 266 8.46 10.42 9.35
CA GLY B 266 7.52 11.46 9.00
C GLY B 266 6.46 11.76 10.04
N LEU B 267 6.28 10.90 11.04
CA LEU B 267 5.29 11.11 12.10
C LEU B 267 5.89 11.99 13.18
N PHE B 268 5.23 13.12 13.50
CA PHE B 268 5.70 14.00 14.58
C PHE B 268 5.26 13.50 15.96
N PHE B 269 4.01 13.02 16.08
CA PHE B 269 3.52 12.52 17.37
C PHE B 269 2.38 11.52 17.18
N LEU B 270 2.22 10.63 18.18
CA LEU B 270 1.04 9.78 18.35
C LEU B 270 0.21 10.34 19.50
N PRO B 271 -0.95 10.94 19.23
CA PRO B 271 -1.73 11.56 20.31
C PRO B 271 -2.60 10.53 21.02
N THR B 272 -2.62 10.61 22.34
CA THR B 272 -3.42 9.69 23.14
C THR B 272 -4.16 10.48 24.22
N GLN B 273 -5.13 9.83 24.85
CA GLN B 273 -5.68 10.33 26.09
C GLN B 273 -4.59 10.29 27.16
#